data_6CEU
#
_entry.id   6CEU
#
_cell.length_a   72.174
_cell.length_b   36.223
_cell.length_c   131.157
_cell.angle_alpha   90.000
_cell.angle_beta   92.850
_cell.angle_gamma   90.000
#
_symmetry.space_group_name_H-M   'C 1 2 1'
#
loop_
_entity.id
_entity.type
_entity.pdbx_description
1 polymer 'Methyl-CpG-binding domain protein 3'
2 polymer "DNA (5'-D(*GP*CP*CP*AP*GP*(5CM)P*GP*TP*TP*GP*GP*C)-3')"
3 polymer "DNA (5'-D(*GP*CP*CP*AP*AP*(5CM)P*GP*CP*TP*GP*GP*C)-3')"
4 non-polymer 'UNKNOWN ATOM OR ION'
5 water water
#
loop_
_entity_poly.entity_id
_entity_poly.type
_entity_poly.pdbx_seq_one_letter_code
_entity_poly.pdbx_strand_id
1 'polypeptide(L)' GSMERKRWECPALPQGWEREEVPRRSGLSAGHRDVFYYSPSGKKFRSKPQLARYLGGSMDLSTFDFRTGKMLM A,B
2 'polydeoxyribonucleotide' (DG)(DC)(DC)(DA)(DG)(5CM)(DG)(DT)(DT)(DG)(DG)(DC) C,E
3 'polydeoxyribonucleotide' (DG)(DC)(DC)(DA)(DA)(5CM)(DG)(DC)(DT)(DG)(DG)(DC) D,F
#
loop_
_chem_comp.id
_chem_comp.type
_chem_comp.name
_chem_comp.formula
5CM DNA linking 5-METHYL-2'-DEOXY-CYTIDINE-5'-MONOPHOSPHATE 'C10 H16 N3 O7 P'
DA DNA linking 2'-DEOXYADENOSINE-5'-MONOPHOSPHATE 'C10 H14 N5 O6 P'
DC DNA linking 2'-DEOXYCYTIDINE-5'-MONOPHOSPHATE 'C9 H14 N3 O7 P'
DG DNA linking 2'-DEOXYGUANOSINE-5'-MONOPHOSPHATE 'C10 H14 N5 O7 P'
DT DNA linking THYMIDINE-5'-MONOPHOSPHATE 'C10 H15 N2 O8 P'
UNX non-polymer 'UNKNOWN ATOM OR ION' ?
#
# COMPACT_ATOMS: atom_id res chain seq x y z
N MET A 3 -8.67 2.49 10.65
CA MET A 3 -8.75 2.94 9.26
C MET A 3 -10.12 2.60 8.65
N GLU A 4 -11.13 3.42 8.98
CA GLU A 4 -12.47 3.29 8.45
C GLU A 4 -12.94 4.63 7.91
N ARG A 5 -13.82 4.60 6.91
CA ARG A 5 -14.33 5.83 6.31
C ARG A 5 -15.33 6.50 7.26
N LYS A 6 -15.13 7.78 7.54
CA LYS A 6 -16.03 8.56 8.38
C LYS A 6 -16.51 9.79 7.61
N ARG A 7 -17.80 10.12 7.74
CA ARG A 7 -18.37 11.30 7.08
C ARG A 7 -19.56 11.83 7.87
N TRP A 8 -19.53 13.12 8.24
CA TRP A 8 -20.72 13.79 8.77
C TRP A 8 -20.45 15.30 8.86
N GLU A 9 -21.34 16.00 9.57
CA GLU A 9 -21.37 17.46 9.53
C GLU A 9 -20.08 18.06 10.10
N CYS A 10 -19.55 19.06 9.38
CA CYS A 10 -18.38 19.83 9.82
C CYS A 10 -18.84 21.11 10.49
N PRO A 11 -18.69 21.25 11.81
CA PRO A 11 -19.21 22.44 12.50
C PRO A 11 -18.50 23.73 12.15
N ALA A 12 -17.32 23.66 11.53
CA ALA A 12 -16.59 24.87 11.17
C ALA A 12 -17.08 25.49 9.87
N LEU A 13 -17.96 24.81 9.15
CA LEU A 13 -18.48 25.26 7.86
C LEU A 13 -19.98 25.51 8.00
N PRO A 14 -20.63 26.15 7.03
CA PRO A 14 -22.05 26.48 7.20
C PRO A 14 -22.91 25.22 7.29
N GLN A 15 -24.19 25.44 7.59
CA GLN A 15 -25.12 24.33 7.76
C GLN A 15 -25.15 23.46 6.51
N GLY A 16 -25.25 22.14 6.71
CA GLY A 16 -25.31 21.21 5.62
C GLY A 16 -23.99 20.80 5.01
N TRP A 17 -22.88 21.43 5.38
CA TRP A 17 -21.57 21.00 4.89
C TRP A 17 -21.04 19.85 5.74
N GLU A 18 -20.38 18.89 5.08
CA GLU A 18 -19.94 17.64 5.69
C GLU A 18 -18.47 17.38 5.38
N ARG A 19 -17.79 16.75 6.33
CA ARG A 19 -16.38 16.39 6.23
C ARG A 19 -16.24 14.87 6.21
N GLU A 20 -15.27 14.39 5.45
CA GLU A 20 -15.10 12.95 5.25
C GLU A 20 -13.62 12.62 5.21
N GLU A 21 -13.26 11.50 5.86
CA GLU A 21 -11.91 10.95 5.84
C GLU A 21 -12.00 9.58 5.18
N VAL A 22 -11.16 9.36 4.17
CA VAL A 22 -11.09 8.05 3.51
C VAL A 22 -9.66 7.54 3.58
N PRO A 23 -9.39 6.54 4.41
CA PRO A 23 -8.05 5.95 4.43
C PRO A 23 -7.75 5.21 3.14
N ARG A 24 -6.53 5.38 2.63
CA ARG A 24 -6.05 4.64 1.47
C ARG A 24 -5.69 3.22 1.88
N ARG A 25 -6.09 2.25 1.05
CA ARG A 25 -6.01 0.85 1.43
C ARG A 25 -4.81 0.11 0.83
N SER A 26 -4.06 0.72 -0.10
CA SER A 26 -2.98 0.01 -0.74
C SER A 26 -1.99 1.01 -1.33
N GLY A 27 -0.94 0.48 -1.95
CA GLY A 27 0.12 1.30 -2.48
C GLY A 27 1.04 1.86 -1.39
N LEU A 28 2.01 2.65 -1.88
CA LEU A 28 3.01 3.25 -0.99
C LEU A 28 2.36 4.16 0.06
N SER A 29 1.22 4.78 -0.27
CA SER A 29 0.56 5.71 0.64
C SER A 29 -0.52 5.04 1.47
N ALA A 30 -0.51 3.72 1.56
CA ALA A 30 -1.53 3.00 2.29
C ALA A 30 -1.60 3.52 3.73
N GLY A 31 -2.81 3.58 4.26
CA GLY A 31 -3.01 4.15 5.59
C GLY A 31 -3.15 5.66 5.63
N HIS A 32 -2.68 6.36 4.61
CA HIS A 32 -2.89 7.80 4.52
C HIS A 32 -4.37 8.11 4.45
N ARG A 33 -4.78 9.19 5.07
CA ARG A 33 -6.19 9.55 5.11
C ARG A 33 -6.37 10.80 4.26
N ASP A 34 -7.05 10.63 3.12
CA ASP A 34 -7.53 11.78 2.36
C ASP A 34 -8.73 12.39 3.05
N VAL A 35 -8.86 13.70 2.94
CA VAL A 35 -9.95 14.47 3.52
C VAL A 35 -10.71 15.16 2.40
N PHE A 36 -12.04 15.03 2.42
CA PHE A 36 -12.91 15.72 1.49
C PHE A 36 -14.04 16.45 2.22
N TYR A 37 -14.60 17.45 1.56
CA TYR A 37 -15.80 18.14 2.02
C TYR A 37 -16.89 18.04 0.96
N TYR A 38 -18.15 18.04 1.42
CA TYR A 38 -19.31 18.02 0.55
C TYR A 38 -20.20 19.20 0.88
N SER A 39 -20.64 19.92 -0.15
CA SER A 39 -21.58 21.03 0.02
C SER A 39 -22.97 20.47 0.32
N PRO A 40 -23.94 21.33 0.65
CA PRO A 40 -25.33 20.84 0.76
C PRO A 40 -25.84 20.18 -0.52
N SER A 41 -25.46 20.71 -1.68
CA SER A 41 -25.83 20.12 -2.95
C SER A 41 -25.01 18.88 -3.30
N GLY A 42 -24.12 18.45 -2.41
CA GLY A 42 -23.38 17.23 -2.63
C GLY A 42 -22.14 17.38 -3.48
N LYS A 43 -21.64 18.59 -3.72
CA LYS A 43 -20.44 18.75 -4.51
C LYS A 43 -19.22 18.36 -3.68
N LYS A 44 -18.30 17.63 -4.32
CA LYS A 44 -17.17 17.03 -3.61
C LYS A 44 -15.94 17.93 -3.75
N PHE A 45 -15.36 18.31 -2.62
CA PHE A 45 -14.19 19.18 -2.58
C PHE A 45 -13.00 18.42 -2.02
N ARG A 46 -11.82 18.61 -2.62
CA ARG A 46 -10.64 17.91 -2.12
C ARG A 46 -9.43 18.81 -1.87
N SER A 47 -9.59 20.15 -1.91
CA SER A 47 -8.50 21.07 -1.58
C SER A 47 -9.08 22.36 -1.00
N LYS A 48 -8.24 23.09 -0.27
CA LYS A 48 -8.71 24.33 0.33
C LYS A 48 -8.92 25.41 -0.71
N PRO A 49 -8.00 25.60 -1.70
CA PRO A 49 -8.32 26.59 -2.75
C PRO A 49 -9.64 26.32 -3.45
N GLN A 50 -9.90 25.05 -3.79
CA GLN A 50 -11.19 24.68 -4.36
C GLN A 50 -12.34 25.10 -3.44
N LEU A 51 -12.26 24.73 -2.17
CA LEU A 51 -13.27 25.10 -1.18
C LEU A 51 -13.44 26.61 -1.10
N ALA A 52 -12.33 27.35 -1.10
CA ALA A 52 -12.39 28.78 -0.87
C ALA A 52 -13.08 29.52 -2.01
N ARG A 53 -13.04 28.98 -3.23
CA ARG A 53 -13.77 29.60 -4.32
C ARG A 53 -15.28 29.50 -4.12
N TYR A 54 -15.75 28.54 -3.34
CA TYR A 54 -17.17 28.51 -3.08
C TYR A 54 -17.53 29.28 -1.81
N LEU A 55 -16.77 29.08 -0.75
CA LEU A 55 -17.13 29.63 0.55
C LEU A 55 -16.39 30.90 0.93
N GLY A 56 -15.28 31.22 0.25
CA GLY A 56 -14.39 32.26 0.72
C GLY A 56 -15.01 33.65 0.75
N GLY A 57 -16.08 33.88 -0.01
CA GLY A 57 -16.74 35.16 0.05
C GLY A 57 -17.72 35.20 1.20
N SER A 58 -18.42 34.07 1.42
CA SER A 58 -19.47 33.99 2.42
C SER A 58 -18.94 33.88 3.85
N MET A 59 -17.68 33.47 4.04
CA MET A 59 -17.14 33.31 5.38
C MET A 59 -15.63 33.46 5.35
N ASP A 60 -15.06 33.61 6.55
CA ASP A 60 -13.62 33.73 6.74
C ASP A 60 -12.98 32.34 6.79
N LEU A 61 -12.13 32.02 5.82
CA LEU A 61 -11.44 30.74 5.78
C LEU A 61 -9.95 30.84 6.05
N SER A 62 -9.45 32.04 6.40
CA SER A 62 -8.01 32.23 6.53
C SER A 62 -7.41 31.33 7.60
N THR A 63 -8.16 30.98 8.64
CA THR A 63 -7.63 30.12 9.69
C THR A 63 -8.27 28.74 9.70
N PHE A 64 -8.97 28.37 8.63
CA PHE A 64 -9.58 27.05 8.52
C PHE A 64 -8.53 26.02 8.10
N ASP A 65 -8.36 24.98 8.89
CA ASP A 65 -7.38 23.92 8.62
C ASP A 65 -8.10 22.81 7.88
N PHE A 66 -7.89 22.75 6.57
CA PHE A 66 -8.54 21.77 5.71
C PHE A 66 -8.33 20.35 6.23
N ARG A 67 -7.11 20.02 6.66
CA ARG A 67 -6.84 18.65 7.09
C ARG A 67 -7.64 18.28 8.33
N THR A 68 -7.66 19.15 9.34
CA THR A 68 -8.40 18.86 10.57
C THR A 68 -9.86 19.27 10.52
N GLY A 69 -10.24 20.18 9.62
CA GLY A 69 -11.62 20.62 9.55
C GLY A 69 -12.05 21.61 10.61
N LYS A 70 -11.11 22.20 11.34
CA LYS A 70 -11.42 23.14 12.40
C LYS A 70 -10.72 24.46 12.13
N MET A 71 -11.28 25.53 12.70
CA MET A 71 -10.60 26.82 12.68
C MET A 71 -9.43 26.78 13.67
N LEU A 72 -8.32 27.38 13.27
CA LEU A 72 -7.11 27.36 14.09
C LEU A 72 -7.21 28.45 15.15
N MET A 73 -7.41 28.05 16.40
CA MET A 73 -7.51 28.99 17.52
C MET A 73 -6.14 29.48 17.94
N MET B 3 3.23 -6.50 -11.93
CA MET B 3 2.97 -6.63 -10.49
C MET B 3 1.97 -7.75 -10.21
N GLU B 4 2.19 -8.91 -10.82
CA GLU B 4 1.41 -10.12 -10.60
C GLU B 4 2.24 -11.15 -9.84
N ARG B 5 1.57 -12.13 -9.26
CA ARG B 5 2.22 -13.22 -8.55
C ARG B 5 2.52 -14.35 -9.52
N LYS B 6 3.77 -14.83 -9.54
CA LYS B 6 4.24 -15.84 -10.48
C LYS B 6 4.84 -17.01 -9.72
N ARG B 7 4.58 -18.23 -10.18
CA ARG B 7 5.18 -19.41 -9.54
C ARG B 7 5.23 -20.56 -10.52
N TRP B 8 6.41 -21.18 -10.66
CA TRP B 8 6.52 -22.43 -11.39
C TRP B 8 7.92 -23.01 -11.16
N GLU B 9 8.26 -24.01 -11.97
CA GLU B 9 9.46 -24.82 -11.70
C GLU B 9 10.72 -23.96 -11.80
N CYS B 10 11.64 -24.15 -10.84
CA CYS B 10 12.94 -23.51 -10.89
C CYS B 10 13.95 -24.50 -11.48
N PRO B 11 14.45 -24.27 -12.70
CA PRO B 11 15.38 -25.24 -13.31
C PRO B 11 16.76 -25.26 -12.68
N ALA B 12 17.13 -24.27 -11.88
CA ALA B 12 18.42 -24.34 -11.19
C ALA B 12 18.37 -25.22 -9.94
N LEU B 13 17.19 -25.74 -9.57
CA LEU B 13 17.04 -26.58 -8.39
C LEU B 13 16.55 -27.96 -8.82
N PRO B 14 16.59 -28.96 -7.93
CA PRO B 14 16.19 -30.32 -8.33
C PRO B 14 14.74 -30.39 -8.76
N GLN B 15 14.41 -31.51 -9.41
CA GLN B 15 13.08 -31.71 -9.99
C GLN B 15 11.96 -31.48 -8.97
N GLY B 16 10.93 -30.76 -9.39
CA GLY B 16 9.80 -30.45 -8.51
C GLY B 16 9.98 -29.25 -7.60
N TRP B 17 11.17 -28.64 -7.54
CA TRP B 17 11.33 -27.41 -6.79
C TRP B 17 10.79 -26.24 -7.61
N GLU B 18 10.14 -25.30 -6.92
CA GLU B 18 9.46 -24.20 -7.58
C GLU B 18 9.83 -22.86 -6.96
N ARG B 19 9.84 -21.83 -7.81
CA ARG B 19 10.20 -20.48 -7.42
C ARG B 19 8.98 -19.58 -7.54
N GLU B 20 8.88 -18.61 -6.64
CA GLU B 20 7.71 -17.73 -6.61
C GLU B 20 8.14 -16.30 -6.35
N GLU B 21 7.48 -15.36 -7.04
CA GLU B 21 7.66 -13.93 -6.83
C GLU B 21 6.31 -13.35 -6.40
N VAL B 22 6.31 -12.57 -5.33
CA VAL B 22 5.10 -11.95 -4.80
C VAL B 22 5.35 -10.45 -4.64
N PRO B 23 4.79 -9.60 -5.49
CA PRO B 23 4.95 -8.15 -5.28
C PRO B 23 4.15 -7.70 -4.07
N ARG B 24 4.77 -6.83 -3.26
CA ARG B 24 4.11 -6.25 -2.11
C ARG B 24 3.13 -5.19 -2.58
N ARG B 25 1.94 -5.19 -1.97
CA ARG B 25 0.87 -4.31 -2.42
C ARG B 25 0.77 -3.00 -1.65
N SER B 26 1.37 -2.89 -0.47
CA SER B 26 1.09 -1.75 0.39
C SER B 26 2.31 -1.37 1.22
N GLY B 27 2.29 -0.15 1.74
CA GLY B 27 3.36 0.32 2.59
C GLY B 27 4.55 0.88 1.82
N LEU B 28 5.56 1.25 2.59
CA LEU B 28 6.72 1.91 1.99
C LEU B 28 7.46 0.99 1.03
N SER B 29 7.34 -0.33 1.23
CA SER B 29 8.00 -1.29 0.36
C SER B 29 7.08 -1.78 -0.76
N ALA B 30 5.99 -1.06 -1.04
CA ALA B 30 5.08 -1.50 -2.09
C ALA B 30 5.81 -1.59 -3.42
N GLY B 31 5.49 -2.62 -4.21
CA GLY B 31 6.17 -2.88 -5.45
C GLY B 31 7.35 -3.82 -5.32
N HIS B 32 8.00 -3.84 -4.15
CA HIS B 32 9.08 -4.79 -3.93
C HIS B 32 8.56 -6.22 -4.12
N ARG B 33 9.40 -7.07 -4.68
CA ARG B 33 9.01 -8.46 -4.94
C ARG B 33 9.78 -9.33 -3.97
N ASP B 34 9.07 -9.96 -3.03
CA ASP B 34 9.65 -11.04 -2.24
C ASP B 34 9.75 -12.30 -3.09
N VAL B 35 10.78 -13.09 -2.84
CA VAL B 35 11.06 -14.33 -3.53
C VAL B 35 11.00 -15.49 -2.54
N PHE B 36 10.28 -16.55 -2.89
CA PHE B 36 10.24 -17.78 -2.11
C PHE B 36 10.53 -18.97 -3.01
N TYR B 37 10.88 -20.09 -2.37
CA TYR B 37 11.00 -21.38 -3.03
C TYR B 37 10.16 -22.42 -2.31
N TYR B 38 9.65 -23.37 -3.09
CA TYR B 38 8.85 -24.47 -2.55
C TYR B 38 9.52 -25.79 -2.90
N SER B 39 9.72 -26.64 -1.88
CA SER B 39 10.20 -28.01 -2.07
C SER B 39 9.11 -28.80 -2.77
N PRO B 40 9.45 -29.99 -3.31
CA PRO B 40 8.40 -30.84 -3.90
C PRO B 40 7.29 -31.20 -2.93
N SER B 41 7.59 -31.27 -1.63
CA SER B 41 6.59 -31.52 -0.61
C SER B 41 5.89 -30.25 -0.13
N GLY B 42 6.19 -29.11 -0.74
CA GLY B 42 5.49 -27.87 -0.45
C GLY B 42 6.01 -27.03 0.70
N LYS B 43 7.19 -27.34 1.25
CA LYS B 43 7.75 -26.48 2.28
C LYS B 43 8.24 -25.16 1.70
N LYS B 44 7.94 -24.07 2.38
CA LYS B 44 8.16 -22.72 1.88
C LYS B 44 9.46 -22.17 2.46
N PHE B 45 10.31 -21.65 1.59
CA PHE B 45 11.60 -21.13 1.99
C PHE B 45 11.63 -19.66 1.62
N ARG B 46 12.20 -18.82 2.50
CA ARG B 46 12.26 -17.41 2.20
C ARG B 46 13.67 -16.81 2.34
N SER B 47 14.71 -17.64 2.51
CA SER B 47 16.09 -17.15 2.53
C SER B 47 17.04 -18.24 2.04
N LYS B 48 18.20 -17.82 1.54
CA LYS B 48 19.20 -18.77 1.05
C LYS B 48 19.79 -19.62 2.19
N PRO B 49 20.14 -19.06 3.36
CA PRO B 49 20.58 -19.94 4.47
C PRO B 49 19.56 -21.03 4.80
N GLN B 50 18.28 -20.66 4.83
CA GLN B 50 17.23 -21.64 5.07
C GLN B 50 17.26 -22.73 4.00
N LEU B 51 17.31 -22.31 2.74
CA LEU B 51 17.34 -23.26 1.63
C LEU B 51 18.57 -24.15 1.70
N ALA B 52 19.74 -23.55 1.97
CA ALA B 52 21.01 -24.28 1.95
C ALA B 52 21.04 -25.41 2.99
N ARG B 53 20.32 -25.25 4.10
CA ARG B 53 20.25 -26.33 5.08
C ARG B 53 19.53 -27.55 4.54
N TYR B 54 18.66 -27.39 3.54
CA TYR B 54 17.96 -28.52 2.94
C TYR B 54 18.65 -29.07 1.69
N LEU B 55 19.25 -28.20 0.88
CA LEU B 55 19.84 -28.62 -0.37
C LEU B 55 21.37 -28.55 -0.40
N GLY B 56 22.00 -27.83 0.53
CA GLY B 56 23.42 -27.55 0.42
C GLY B 56 24.31 -28.77 0.50
N GLY B 57 23.84 -29.85 1.11
CA GLY B 57 24.64 -31.05 1.19
C GLY B 57 24.35 -31.95 0.01
N SER B 58 23.21 -31.67 -0.64
CA SER B 58 22.74 -32.44 -1.78
C SER B 58 23.13 -31.83 -3.12
N MET B 59 23.52 -30.55 -3.15
CA MET B 59 23.95 -29.90 -4.38
C MET B 59 24.78 -28.68 -4.04
N ASP B 60 25.39 -28.11 -5.07
CA ASP B 60 26.24 -26.93 -4.94
C ASP B 60 25.37 -25.68 -5.02
N LEU B 61 25.26 -24.95 -3.90
CA LEU B 61 24.52 -23.68 -3.86
C LEU B 61 25.43 -22.47 -3.71
N SER B 62 26.74 -22.66 -3.85
CA SER B 62 27.67 -21.55 -3.63
C SER B 62 27.43 -20.39 -4.57
N THR B 63 27.04 -20.65 -5.82
CA THR B 63 26.80 -19.59 -6.78
C THR B 63 25.33 -19.46 -7.17
N PHE B 64 24.42 -19.99 -6.34
CA PHE B 64 22.98 -19.81 -6.56
C PHE B 64 22.58 -18.42 -6.08
N ASP B 65 21.99 -17.63 -6.98
CA ASP B 65 21.50 -16.28 -6.64
C ASP B 65 20.04 -16.42 -6.23
N PHE B 66 19.78 -16.35 -4.92
CA PHE B 66 18.44 -16.57 -4.39
C PHE B 66 17.44 -15.61 -5.01
N ARG B 67 17.82 -14.33 -5.16
CA ARG B 67 16.90 -13.33 -5.71
C ARG B 67 16.46 -13.68 -7.13
N THR B 68 17.39 -14.08 -7.99
CA THR B 68 17.03 -14.32 -9.39
C THR B 68 16.68 -15.77 -9.67
N GLY B 69 17.11 -16.70 -8.82
CA GLY B 69 16.83 -18.11 -9.02
C GLY B 69 17.72 -18.82 -10.02
N LYS B 70 18.87 -18.25 -10.37
CA LYS B 70 19.77 -18.85 -11.35
C LYS B 70 21.17 -18.93 -10.77
N MET B 71 21.95 -19.87 -11.30
CA MET B 71 23.36 -19.92 -10.98
C MET B 71 24.10 -18.79 -11.69
N LEU B 72 25.01 -18.15 -10.98
CA LEU B 72 25.86 -17.13 -11.61
C LEU B 72 27.12 -17.76 -12.18
N MET B 73 27.61 -17.21 -13.30
N1 5CM C 6 -4.03 7.69 -5.64
C2 5CM C 6 -3.80 8.73 -6.58
N3 5CM C 6 -4.40 9.93 -6.48
C4 5CM C 6 -5.26 10.17 -5.47
C5 5CM C 6 -5.54 9.09 -4.49
C5A 5CM C 6 -6.50 9.31 -3.35
C6 5CM C 6 -4.88 7.86 -4.62
O2 5CM C 6 -2.99 8.54 -7.50
N4 5CM C 6 -5.88 11.38 -5.40
C1' 5CM C 6 -3.31 6.43 -5.80
C2' 5CM C 6 -2.16 6.31 -4.81
C3' 5CM C 6 -2.10 4.85 -4.41
C4' 5CM C 6 -3.27 4.24 -5.15
O4' 5CM C 6 -4.14 5.32 -5.49
O3' 5CM C 6 -0.87 4.24 -4.87
C5' 5CM C 6 -4.01 3.20 -4.33
O5' 5CM C 6 -4.74 3.86 -3.31
P 5CM C 6 -6.12 3.18 -2.82
OP1 5CM C 6 -5.86 1.72 -2.55
OP2 5CM C 6 -6.66 4.05 -1.72
N1 5CM D 6 -3.89 17.35 -6.66
C2 5CM D 6 -3.03 16.22 -6.58
N3 5CM D 6 -3.18 15.28 -5.63
C4 5CM D 6 -4.13 15.40 -4.71
C5 5CM D 6 -5.05 16.57 -4.77
C5A 5CM D 6 -6.16 16.71 -3.75
C6 5CM D 6 -4.88 17.51 -5.78
O2 5CM D 6 -2.11 16.12 -7.41
N4 5CM D 6 -4.27 14.44 -3.77
C1' 5CM D 6 -3.61 18.26 -7.79
C2' 5CM D 6 -4.82 18.67 -8.65
C3' 5CM D 6 -4.28 19.88 -9.38
C4' 5CM D 6 -3.20 20.42 -8.45
O4' 5CM D 6 -2.96 19.46 -7.40
O3' 5CM D 6 -3.49 19.45 -10.48
C5' 5CM D 6 -3.55 21.77 -7.84
O5' 5CM D 6 -4.79 21.68 -7.19
P 5CM D 6 -5.28 22.92 -6.32
OP1 5CM D 6 -5.27 24.14 -7.21
OP2 5CM D 6 -6.53 22.56 -5.58
N1 5CM E 6 6.06 -6.82 5.60
C2 5CM E 6 6.80 -7.28 6.71
N3 5CM E 6 7.50 -8.45 6.68
C4 5CM E 6 7.47 -9.20 5.58
C5 5CM E 6 6.67 -8.74 4.42
C5A 5CM E 6 6.63 -9.59 3.18
C6 5CM E 6 5.98 -7.53 4.47
O2 5CM E 6 6.84 -6.59 7.72
N4 5CM E 6 8.15 -10.37 5.55
C1' 5CM E 6 5.36 -5.54 5.75
C2' 5CM E 6 5.93 -4.48 4.81
C3' 5CM E 6 4.75 -3.61 4.44
C4' 5CM E 6 3.54 -4.38 4.93
O4' 5CM E 6 4.00 -5.65 5.39
O3' 5CM E 6 4.77 -2.36 5.17
C5' 5CM E 6 2.49 -4.61 3.85
O5' 5CM E 6 3.06 -5.44 2.85
P 5CM E 6 2.06 -6.15 1.81
OP1 5CM E 6 1.11 -5.09 1.30
OP2 5CM E 6 2.94 -6.89 0.84
N1 5CM F 6 14.00 -11.90 8.02
C2 5CM F 6 13.45 -10.60 7.98
N3 5CM F 6 12.77 -10.16 6.91
C4 5CM F 6 12.62 -10.94 5.81
C5 5CM F 6 13.21 -12.31 5.83
C5A 5CM F 6 13.06 -13.24 4.65
C6 5CM F 6 13.87 -12.74 6.98
O2 5CM F 6 13.59 -9.84 8.98
N4 5CM F 6 11.94 -10.49 4.73
C1' 5CM F 6 14.68 -12.30 9.26
C2' 5CM F 6 14.22 -13.66 9.82
C3' 5CM F 6 15.28 -13.92 10.85
C4' 5CM F 6 16.51 -13.17 10.34
O4' 5CM F 6 16.10 -12.40 9.18
O3' 5CM F 6 14.87 -13.19 11.99
C5' 5CM F 6 17.63 -14.12 9.92
O5' 5CM F 6 17.09 -14.94 8.89
P 5CM F 6 18.07 -15.90 8.06
OP1 5CM F 6 18.86 -16.71 9.05
OP2 5CM F 6 17.25 -16.59 7.00
UNK UNX G . -10.91 5.07 -21.03
UNK UNX H . -7.76 19.87 -6.10
UNK UNX I . 23.68 -8.04 6.27
UNK UNX J . 15.33 -6.97 12.08
#